data_5IDJ
#
_entry.id   5IDJ
#
_cell.length_a   164.856
_cell.length_b   164.856
_cell.length_c   48.001
_cell.angle_alpha   90.000
_cell.angle_beta   90.000
_cell.angle_gamma   120.000
#
_symmetry.space_group_name_H-M   'P 63 2 2'
#
loop_
_entity.id
_entity.type
_entity.pdbx_description
1 polymer 'Histidine kinase'
2 non-polymer "ADENOSINE-5'-DIPHOSPHATE"
3 non-polymer 'MAGNESIUM ION'
4 water water
#
_entity_poly.entity_id   1
_entity_poly.type   'polypeptide(L)'
_entity_poly.pdbx_seq_one_letter_code
;LSQAQKMQAIGQLAGGVAHDFNNLLTAIQLRLDELLHRHPVGDPSYEGLNEIRQTGVRAADLVRKLLAFSRKQTVQREVL
DLGELISEFEVLLRRLLREDVKLITDYGRDLPQVRADKSQLETAVMNLAVNARDAVRAAKGGGVVRIRTARLTRDEAIQL
GFPAADGDTAFIEVSDDGPGIPPDVMGKIFDPFFTTKPVGEGTGLGLATVYGIVKQSDGWIHVHSRPNEGAAFRIFLPVY
EA
;
_entity_poly.pdbx_strand_id   A
#
loop_
_chem_comp.id
_chem_comp.type
_chem_comp.name
_chem_comp.formula
ADP non-polymer ADENOSINE-5'-DIPHOSPHATE 'C10 H15 N5 O10 P2'
MG non-polymer 'MAGNESIUM ION' 'Mg 2'
#
# COMPACT_ATOMS: atom_id res chain seq x y z
N LEU A 1 -8.44 10.94 13.83
CA LEU A 1 -8.18 9.54 13.34
C LEU A 1 -9.22 9.00 12.34
N SER A 2 -10.43 9.54 12.33
CA SER A 2 -11.30 9.36 11.17
C SER A 2 -11.30 10.62 10.33
N GLN A 3 -10.94 11.76 10.93
CA GLN A 3 -10.79 13.04 10.23
C GLN A 3 -9.32 13.25 9.85
N ALA A 4 -8.45 13.26 10.85
CA ALA A 4 -7.01 13.38 10.64
C ALA A 4 -6.38 12.25 9.81
N GLN A 5 -7.06 11.10 9.74
CA GLN A 5 -6.57 9.94 9.02
C GLN A 5 -7.27 9.74 7.70
N LYS A 6 -8.34 10.51 7.41
CA LYS A 6 -8.82 10.69 6.01
C LYS A 6 -7.90 11.64 5.24
N MET A 7 -7.43 12.67 5.93
CA MET A 7 -6.39 13.56 5.43
C MET A 7 -5.16 12.75 5.08
N GLN A 8 -4.74 11.86 5.97
CA GLN A 8 -3.65 10.90 5.73
C GLN A 8 -3.82 10.07 4.43
N ALA A 9 -5.01 9.51 4.22
CA ALA A 9 -5.27 8.67 3.04
C ALA A 9 -5.10 9.45 1.75
N ILE A 10 -5.62 10.68 1.76
CA ILE A 10 -5.46 11.59 0.63
C ILE A 10 -3.99 11.72 0.26
N GLY A 11 -3.11 11.91 1.25
CA GLY A 11 -1.67 11.95 1.01
C GLY A 11 -1.22 10.76 0.20
N GLN A 12 -1.53 9.56 0.69
CA GLN A 12 -1.01 8.32 0.10
C GLN A 12 -1.62 7.94 -1.23
N LEU A 13 -2.88 8.30 -1.46
CA LEU A 13 -3.49 8.10 -2.77
C LEU A 13 -2.92 9.09 -3.78
N ALA A 14 -2.90 10.36 -3.39
CA ALA A 14 -2.33 11.40 -4.25
C ALA A 14 -0.92 11.02 -4.70
N GLY A 15 -0.13 10.45 -3.79
CA GLY A 15 1.24 10.01 -4.14
C GLY A 15 1.28 8.87 -5.14
N GLY A 16 0.30 7.98 -5.07
CA GLY A 16 0.23 6.79 -5.93
C GLY A 16 -0.36 7.07 -7.29
N VAL A 17 -1.43 7.84 -7.30
CA VAL A 17 -2.02 8.34 -8.55
C VAL A 17 -0.94 9.06 -9.36
N ALA A 18 -0.34 10.08 -8.78
CA ALA A 18 0.82 10.75 -9.35
C ALA A 18 1.76 9.79 -10.08
N HIS A 19 2.06 8.65 -9.48
CA HIS A 19 2.92 7.66 -10.14
C HIS A 19 2.23 7.02 -11.36
N ASP A 20 1.02 6.47 -11.16
CA ASP A 20 0.25 5.84 -12.26
C ASP A 20 -0.01 6.84 -13.36
N PHE A 21 -0.71 7.91 -13.02
CA PHE A 21 -0.95 9.01 -13.94
C PHE A 21 0.27 9.37 -14.78
N ASN A 22 1.40 9.69 -14.17
CA ASN A 22 2.55 10.16 -14.97
C ASN A 22 3.08 9.17 -16.00
N ASN A 23 2.99 7.89 -15.66
CA ASN A 23 3.27 6.78 -16.58
C ASN A 23 2.31 6.72 -17.75
N LEU A 24 1.03 6.93 -17.47
CA LEU A 24 0.03 6.97 -18.53
C LEU A 24 0.31 8.14 -19.41
N LEU A 25 0.53 9.27 -18.77
CA LEU A 25 0.70 10.49 -19.50
C LEU A 25 1.85 10.34 -20.52
N THR A 26 3.01 9.88 -20.08
CA THR A 26 4.11 9.55 -20.99
C THR A 26 3.69 8.71 -22.20
N ALA A 27 2.88 7.68 -21.99
CA ALA A 27 2.41 6.81 -23.08
C ALA A 27 1.74 7.66 -24.12
N ILE A 28 0.79 8.45 -23.65
CA ILE A 28 0.05 9.42 -24.49
C ILE A 28 0.95 10.44 -25.21
N GLN A 29 1.88 11.05 -24.51
CA GLN A 29 2.76 12.05 -25.13
C GLN A 29 3.60 11.51 -26.31
N LEU A 30 4.10 10.28 -26.12
CA LEU A 30 4.88 9.54 -27.13
C LEU A 30 4.10 9.40 -28.41
N ARG A 31 2.88 8.88 -28.25
CA ARG A 31 1.99 8.59 -29.35
C ARG A 31 1.48 9.81 -30.06
N LEU A 32 1.21 10.86 -29.31
CA LEU A 32 0.67 12.06 -29.87
C LEU A 32 1.76 12.83 -30.64
N ASP A 33 2.99 12.85 -30.15
CA ASP A 33 4.06 13.60 -30.83
C ASP A 33 4.47 12.83 -32.06
N GLU A 34 4.25 11.52 -32.03
CA GLU A 34 4.38 10.67 -33.23
C GLU A 34 3.33 11.02 -34.29
N LEU A 35 2.07 11.18 -33.91
CA LEU A 35 1.01 11.54 -34.87
C LEU A 35 1.21 12.90 -35.45
N LEU A 36 1.67 13.84 -34.62
CA LEU A 36 1.97 15.18 -35.08
C LEU A 36 3.09 15.20 -36.15
N HIS A 37 4.07 14.31 -36.00
CA HIS A 37 5.13 14.18 -37.00
C HIS A 37 4.56 13.59 -38.32
N ARG A 38 3.71 12.56 -38.23
CA ARG A 38 2.98 12.04 -39.41
C ARG A 38 2.10 13.08 -40.10
N HIS A 39 1.26 13.78 -39.35
CA HIS A 39 0.27 14.73 -39.88
C HIS A 39 0.61 16.14 -39.39
N PRO A 40 1.54 16.83 -40.09
CA PRO A 40 1.96 18.17 -39.65
C PRO A 40 1.11 19.27 -40.28
N VAL A 41 1.51 20.52 -40.01
CA VAL A 41 0.74 21.75 -40.35
C VAL A 41 -0.31 21.61 -41.42
N GLY A 42 0.09 21.16 -42.61
CA GLY A 42 -0.82 21.08 -43.74
C GLY A 42 -1.99 20.12 -43.64
N ASP A 43 -1.80 18.99 -42.94
CA ASP A 43 -2.81 17.93 -42.87
C ASP A 43 -4.09 18.41 -42.17
N PRO A 44 -5.28 17.97 -42.66
CA PRO A 44 -6.51 18.26 -41.90
C PRO A 44 -6.41 17.84 -40.45
N SER A 45 -5.82 16.68 -40.21
CA SER A 45 -5.65 16.13 -38.87
C SER A 45 -4.72 16.88 -37.93
N TYR A 46 -3.88 17.78 -38.44
CA TYR A 46 -2.97 18.54 -37.59
C TYR A 46 -3.64 19.42 -36.54
N GLU A 47 -4.74 20.08 -36.90
CA GLU A 47 -5.40 21.01 -35.96
C GLU A 47 -5.94 20.21 -34.79
N GLY A 48 -6.76 19.21 -35.07
CA GLY A 48 -7.29 18.32 -34.05
C GLY A 48 -6.24 17.75 -33.13
N LEU A 49 -5.07 17.39 -33.64
CA LEU A 49 -3.99 16.80 -32.82
C LEU A 49 -3.30 17.85 -32.02
N ASN A 50 -3.13 19.02 -32.59
CA ASN A 50 -2.52 20.08 -31.86
C ASN A 50 -3.46 20.55 -30.73
N GLU A 51 -4.72 20.86 -31.04
CA GLU A 51 -5.72 21.27 -30.05
C GLU A 51 -5.71 20.32 -28.90
N ILE A 52 -5.77 19.01 -29.17
CA ILE A 52 -5.60 17.93 -28.14
C ILE A 52 -4.32 18.03 -27.34
N ARG A 53 -3.19 18.20 -28.02
CA ARG A 53 -1.88 18.37 -27.39
C ARG A 53 -1.88 19.53 -26.39
N GLN A 54 -2.40 20.68 -26.79
CA GLN A 54 -2.29 21.87 -25.94
C GLN A 54 -3.33 21.88 -24.81
N THR A 55 -4.56 21.47 -25.11
CA THR A 55 -5.59 21.23 -24.08
C THR A 55 -5.17 20.12 -23.06
N GLY A 56 -4.37 19.15 -23.50
CA GLY A 56 -3.80 18.14 -22.60
C GLY A 56 -2.68 18.68 -21.73
N VAL A 57 -1.87 19.58 -22.25
CA VAL A 57 -0.87 20.27 -21.45
C VAL A 57 -1.54 21.00 -20.27
N ARG A 58 -2.78 21.46 -20.48
CA ARG A 58 -3.52 22.23 -19.49
C ARG A 58 -4.15 21.30 -18.46
N ALA A 59 -4.75 20.22 -18.92
CA ALA A 59 -5.45 19.29 -18.03
C ALA A 59 -4.49 18.53 -17.17
N ALA A 60 -3.27 18.31 -17.68
CA ALA A 60 -2.24 17.61 -16.94
C ALA A 60 -1.70 18.52 -15.86
N ASP A 61 -1.36 19.74 -16.25
CA ASP A 61 -0.88 20.73 -15.28
C ASP A 61 -1.79 20.88 -14.03
N LEU A 62 -3.11 21.03 -14.21
CA LEU A 62 -4.02 21.10 -13.04
C LEU A 62 -3.85 19.90 -12.15
N VAL A 63 -3.92 18.72 -12.75
CA VAL A 63 -3.76 17.46 -12.05
C VAL A 63 -2.43 17.45 -11.31
N ARG A 64 -1.34 17.79 -12.00
CA ARG A 64 -0.02 17.80 -11.34
C ARG A 64 -0.02 18.69 -10.12
N LYS A 65 -0.55 19.91 -10.24
CA LYS A 65 -0.56 20.86 -9.16
C LYS A 65 -1.49 20.47 -8.03
N LEU A 66 -2.61 19.85 -8.35
CA LEU A 66 -3.45 19.29 -7.31
C LEU A 66 -2.76 18.15 -6.52
N LEU A 67 -2.41 17.04 -7.18
CA LEU A 67 -1.67 15.95 -6.53
C LEU A 67 -0.53 16.44 -5.64
N ALA A 68 0.30 17.35 -6.15
CA ALA A 68 1.46 17.85 -5.41
C ALA A 68 1.06 18.57 -4.14
N PHE A 69 0.01 19.37 -4.24
CA PHE A 69 -0.60 20.00 -3.06
C PHE A 69 -1.24 18.94 -2.15
N SER A 70 -2.09 18.11 -2.73
CA SER A 70 -2.84 17.06 -2.04
C SER A 70 -1.94 16.10 -1.23
N ARG A 71 -0.64 16.06 -1.48
CA ARG A 71 0.32 15.34 -0.61
C ARG A 71 0.78 16.19 0.56
N LYS A 72 1.82 17.01 0.39
CA LYS A 72 2.22 17.98 1.43
C LYS A 72 1.52 17.78 2.79
N GLN A 73 1.89 16.70 3.46
CA GLN A 73 1.31 16.30 4.74
C GLN A 73 2.37 15.92 5.73
N THR A 74 1.96 15.88 6.99
CA THR A 74 2.89 15.93 8.10
C THR A 74 2.93 14.61 8.87
N VAL A 75 4.14 14.33 9.34
CA VAL A 75 4.54 13.05 9.89
C VAL A 75 5.39 13.41 11.13
N GLN A 76 5.21 12.67 12.23
CA GLN A 76 6.17 12.72 13.35
C GLN A 76 6.83 11.36 13.43
N ARG A 77 8.08 11.30 12.99
CA ARG A 77 8.85 10.07 13.09
C ARG A 77 9.36 9.93 14.53
N GLU A 78 8.70 9.06 15.30
CA GLU A 78 9.17 8.69 16.62
C GLU A 78 9.96 7.42 16.50
N VAL A 79 10.87 7.24 17.47
CA VAL A 79 11.46 5.95 17.78
C VAL A 79 10.39 5.18 18.56
N LEU A 80 10.05 3.99 18.09
CA LEU A 80 8.98 3.20 18.67
C LEU A 80 9.48 1.82 18.95
N ASP A 81 9.16 1.29 20.13
CA ASP A 81 9.37 -0.12 20.35
C ASP A 81 8.33 -0.88 19.52
N LEU A 82 8.83 -1.89 18.80
CA LEU A 82 8.05 -2.62 17.81
C LEU A 82 6.99 -3.46 18.50
N GLY A 83 7.38 -4.10 19.61
CA GLY A 83 6.48 -4.93 20.38
C GLY A 83 5.43 -4.14 21.13
N GLU A 84 5.87 -3.00 21.66
CA GLU A 84 5.03 -2.19 22.52
C GLU A 84 3.93 -1.59 21.65
N LEU A 85 4.32 -1.22 20.42
CA LEU A 85 3.37 -0.81 19.40
C LEU A 85 2.23 -1.84 19.20
N ILE A 86 2.59 -3.08 18.87
CA ILE A 86 1.60 -4.09 18.50
C ILE A 86 0.73 -4.48 19.68
N SER A 87 1.25 -4.44 20.89
CA SER A 87 0.47 -4.76 22.07
C SER A 87 -0.75 -3.85 22.27
N GLU A 88 -0.59 -2.58 21.92
CA GLU A 88 -1.66 -1.58 22.00
C GLU A 88 -2.60 -1.68 20.78
N PHE A 89 -2.06 -2.10 19.65
CA PHE A 89 -2.87 -2.43 18.48
C PHE A 89 -3.80 -3.61 18.77
N GLU A 90 -3.36 -4.55 19.61
CA GLU A 90 -4.13 -5.76 19.95
C GLU A 90 -5.58 -5.47 20.26
N VAL A 91 -5.81 -4.29 20.85
CA VAL A 91 -7.13 -3.95 21.37
C VAL A 91 -8.08 -3.64 20.21
N LEU A 92 -7.72 -2.72 19.34
CA LEU A 92 -8.48 -2.53 18.08
C LEU A 92 -8.53 -3.81 17.25
N LEU A 93 -7.40 -4.52 17.15
CA LEU A 93 -7.39 -5.75 16.40
C LEU A 93 -8.46 -6.64 16.98
N ARG A 94 -8.55 -6.76 18.30
CA ARG A 94 -9.62 -7.57 18.90
C ARG A 94 -11.01 -7.01 18.65
N ARG A 95 -11.10 -5.69 18.64
CA ARG A 95 -12.35 -4.97 18.45
C ARG A 95 -12.99 -5.33 17.14
N LEU A 96 -12.24 -5.19 16.06
CA LEU A 96 -12.82 -5.34 14.74
C LEU A 96 -12.99 -6.79 14.26
N LEU A 97 -12.23 -7.74 14.80
CA LEU A 97 -12.42 -9.15 14.44
C LEU A 97 -13.64 -9.71 15.13
N ARG A 98 -13.52 -10.05 16.42
CA ARG A 98 -14.57 -10.77 17.17
C ARG A 98 -15.39 -11.75 16.30
N GLU A 99 -16.67 -11.92 16.63
CA GLU A 99 -17.59 -12.75 15.88
C GLU A 99 -17.16 -14.24 15.87
N ASP A 100 -16.40 -14.63 14.84
CA ASP A 100 -15.81 -15.96 14.74
C ASP A 100 -14.29 -15.85 14.65
N VAL A 101 -13.81 -15.15 13.62
CA VAL A 101 -12.38 -15.05 13.27
C VAL A 101 -11.38 -15.26 14.42
N LYS A 102 -10.79 -16.46 14.51
CA LYS A 102 -9.75 -16.77 15.51
C LYS A 102 -8.54 -15.90 15.20
N LEU A 103 -7.96 -15.33 16.24
CA LEU A 103 -6.83 -14.43 16.11
C LEU A 103 -5.67 -15.05 16.85
N ILE A 104 -4.50 -15.09 16.23
CA ILE A 104 -3.31 -15.47 16.95
C ILE A 104 -2.15 -14.54 16.66
N THR A 105 -1.55 -14.06 17.75
CA THR A 105 -0.50 -13.06 17.74
C THR A 105 0.75 -13.66 18.38
N ASP A 106 1.91 -13.24 17.86
CA ASP A 106 3.13 -14.00 17.96
C ASP A 106 4.27 -12.98 18.01
N TYR A 107 4.84 -12.78 19.20
CA TYR A 107 5.90 -11.79 19.41
C TYR A 107 7.28 -12.45 19.54
N GLY A 108 8.17 -12.16 18.60
CA GLY A 108 9.51 -12.76 18.57
C GLY A 108 10.51 -12.28 19.64
N ARG A 109 11.75 -12.78 19.51
CA ARG A 109 12.86 -12.46 20.43
C ARG A 109 13.38 -11.05 20.12
N ASP A 110 14.00 -10.41 21.11
CA ASP A 110 14.88 -9.24 20.89
C ASP A 110 14.22 -8.16 19.99
N LEU A 111 13.00 -7.79 20.37
CA LEU A 111 12.08 -7.11 19.44
C LEU A 111 12.47 -5.63 19.20
N PRO A 112 12.89 -5.30 17.95
CA PRO A 112 13.70 -4.10 17.69
C PRO A 112 13.02 -2.75 17.88
N GLN A 113 13.85 -1.71 17.82
CA GLN A 113 13.43 -0.31 17.81
C GLN A 113 13.32 0.11 16.35
N VAL A 114 12.32 0.94 16.06
CA VAL A 114 11.97 1.27 14.68
C VAL A 114 11.55 2.75 14.59
N ARG A 115 11.95 3.45 13.54
CA ARG A 115 11.70 4.88 13.42
C ARG A 115 10.51 5.09 12.50
N ALA A 116 9.42 5.62 13.03
CA ALA A 116 8.19 5.81 12.23
C ALA A 116 7.17 6.73 12.89
N ASP A 117 6.18 7.11 12.09
CA ASP A 117 5.02 7.86 12.53
C ASP A 117 4.07 6.81 13.05
N LYS A 118 3.69 6.99 14.32
CA LYS A 118 2.93 5.97 15.10
C LYS A 118 1.54 5.80 14.48
N SER A 119 0.88 6.93 14.25
CA SER A 119 -0.48 6.90 13.80
C SER A 119 -0.57 6.24 12.43
N GLN A 120 0.48 6.42 11.61
CA GLN A 120 0.60 5.78 10.26
C GLN A 120 0.70 4.26 10.35
N LEU A 121 1.55 3.75 11.23
CA LEU A 121 1.70 2.30 11.34
C LEU A 121 0.42 1.64 11.85
N GLU A 122 -0.28 2.30 12.78
CA GLU A 122 -1.62 1.91 13.25
C GLU A 122 -2.52 1.65 12.06
N THR A 123 -2.61 2.63 11.17
CA THR A 123 -3.45 2.56 10.00
C THR A 123 -2.99 1.47 9.09
N ALA A 124 -1.69 1.45 8.80
CA ALA A 124 -1.14 0.44 7.93
C ALA A 124 -1.60 -0.92 8.41
N VAL A 125 -1.34 -1.22 9.68
CA VAL A 125 -1.65 -2.55 10.22
C VAL A 125 -3.17 -2.79 10.26
N MET A 126 -3.98 -1.77 10.56
CA MET A 126 -5.46 -1.91 10.58
C MET A 126 -6.02 -2.22 9.21
N ASN A 127 -5.53 -1.51 8.19
CA ASN A 127 -5.89 -1.78 6.80
C ASN A 127 -5.62 -3.23 6.39
N LEU A 128 -4.46 -3.74 6.77
CA LEU A 128 -4.13 -5.14 6.54
C LEU A 128 -5.09 -6.10 7.25
N ALA A 129 -5.41 -5.78 8.50
CA ALA A 129 -6.28 -6.60 9.35
C ALA A 129 -7.69 -6.68 8.78
N VAL A 130 -8.28 -5.52 8.54
CA VAL A 130 -9.61 -5.44 7.91
C VAL A 130 -9.63 -6.24 6.63
N ASN A 131 -8.59 -6.10 5.81
CA ASN A 131 -8.43 -6.94 4.61
C ASN A 131 -8.46 -8.43 4.88
N ALA A 132 -7.63 -8.86 5.81
CA ALA A 132 -7.64 -10.25 6.31
C ALA A 132 -9.00 -10.69 6.85
N ARG A 133 -9.73 -9.78 7.49
CA ARG A 133 -11.06 -10.08 8.04
C ARG A 133 -12.09 -10.40 6.97
N ASP A 134 -12.07 -9.64 5.87
CA ASP A 134 -13.05 -9.85 4.81
C ASP A 134 -12.64 -11.05 3.98
N ALA A 135 -11.34 -11.29 3.89
CA ALA A 135 -10.81 -12.42 3.15
C ALA A 135 -11.16 -13.77 3.76
N VAL A 136 -11.54 -13.78 5.03
CA VAL A 136 -12.16 -14.96 5.64
C VAL A 136 -13.49 -14.56 6.27
N ARG A 137 -14.47 -14.43 5.39
CA ARG A 137 -15.89 -14.54 5.73
C ARG A 137 -16.42 -15.93 5.34
N ALA A 138 -15.89 -16.49 4.24
CA ALA A 138 -16.32 -17.78 3.70
C ALA A 138 -16.21 -19.00 4.65
N ALA A 139 -15.26 -18.97 5.61
CA ALA A 139 -15.07 -20.07 6.56
C ALA A 139 -15.57 -19.74 8.00
N LYS A 140 -16.52 -19.41 7.51
CA LYS A 140 -17.10 -19.25 8.77
C LYS A 140 -16.57 -20.42 9.60
N GLY A 141 -16.01 -20.14 10.75
CA GLY A 141 -15.46 -21.16 11.62
C GLY A 141 -13.97 -21.40 11.38
N GLY A 142 -13.53 -21.21 10.13
CA GLY A 142 -12.13 -21.49 9.78
C GLY A 142 -11.21 -20.31 10.02
N GLY A 143 -12.60 -18.80 9.98
CA GLY A 143 -11.53 -17.87 9.62
C GLY A 143 -10.44 -17.74 10.67
N VAL A 144 -9.18 -17.60 10.27
CA VAL A 144 -8.04 -17.55 11.20
C VAL A 144 -7.01 -16.52 10.74
N VAL A 145 -7.07 -15.31 11.32
CA VAL A 145 -6.08 -14.25 11.06
C VAL A 145 -4.91 -14.36 12.00
N ARG A 146 -3.70 -14.23 11.48
CA ARG A 146 -2.48 -14.36 12.30
C ARG A 146 -1.48 -13.28 12.00
N ILE A 147 -1.18 -12.47 13.01
CA ILE A 147 -0.19 -11.39 12.89
C ILE A 147 1.07 -11.71 13.70
N ARG A 148 2.23 -11.51 13.09
CA ARG A 148 3.47 -12.13 13.52
C ARG A 148 4.58 -11.09 13.53
N THR A 149 4.66 -10.34 14.61
CA THR A 149 5.77 -9.42 14.84
C THR A 149 7.07 -10.18 15.21
N ALA A 150 8.22 -9.73 14.68
CA ALA A 150 9.50 -10.44 14.85
C ALA A 150 10.73 -9.66 14.37
N ARG A 151 11.93 -10.04 14.84
CA ARG A 151 13.22 -9.53 14.33
C ARG A 151 13.60 -10.36 13.11
N LEU A 152 14.55 -9.87 12.29
CA LEU A 152 15.14 -10.67 11.19
C LEU A 152 16.55 -10.20 10.83
N THR A 153 17.53 -11.12 10.77
CA THR A 153 18.86 -10.81 10.26
C THR A 153 18.81 -10.68 8.74
N ARG A 154 19.80 -9.99 8.15
CA ARG A 154 19.83 -9.69 6.71
C ARG A 154 19.44 -10.88 5.82
N ASP A 155 19.97 -12.06 6.15
CA ASP A 155 19.70 -13.29 5.38
C ASP A 155 18.23 -13.72 5.50
N GLU A 156 17.76 -13.87 6.75
CA GLU A 156 16.35 -14.24 7.06
C GLU A 156 15.32 -13.31 6.40
N ALA A 157 15.71 -12.05 6.22
CA ALA A 157 14.90 -11.09 5.48
C ALA A 157 14.75 -11.48 4.03
N ILE A 158 15.87 -11.79 3.36
CA ILE A 158 15.90 -12.01 1.91
C ILE A 158 14.97 -13.15 1.49
N GLN A 159 15.04 -14.27 2.17
CA GLN A 159 14.19 -15.44 1.87
C GLN A 159 12.73 -15.20 2.24
N LEU A 160 12.48 -14.42 3.30
CA LEU A 160 11.11 -14.07 3.73
C LEU A 160 10.42 -13.10 2.75
N GLY A 161 11.20 -12.28 2.03
CA GLY A 161 10.65 -11.31 1.06
C GLY A 161 11.53 -10.16 0.54
N PHE A 162 12.42 -9.62 1.38
CA PHE A 162 13.11 -8.32 1.12
C PHE A 162 14.54 -8.46 0.56
N PRO A 163 14.70 -8.35 -0.78
CA PRO A 163 16.00 -8.65 -1.43
C PRO A 163 17.14 -7.70 -1.04
N ALA A 164 16.80 -6.44 -0.80
CA ALA A 164 17.76 -5.36 -0.61
C ALA A 164 17.96 -5.05 0.88
N ALA A 165 18.19 -6.08 1.70
CA ALA A 165 18.47 -5.86 3.12
C ALA A 165 19.93 -5.47 3.29
N ASP A 166 20.20 -4.32 3.92
CA ASP A 166 21.57 -3.91 4.25
C ASP A 166 22.10 -4.81 5.37
N GLY A 167 21.44 -4.72 6.52
CA GLY A 167 21.78 -5.52 7.71
C GLY A 167 20.52 -6.05 8.38
N ASP A 168 20.42 -5.90 9.71
CA ASP A 168 19.27 -6.38 10.49
C ASP A 168 17.99 -5.63 10.12
N THR A 169 16.82 -6.17 10.50
CA THR A 169 15.54 -5.63 10.02
C THR A 169 14.31 -6.08 10.82
N ALA A 170 13.43 -5.13 11.12
CA ALA A 170 12.16 -5.38 11.83
C ALA A 170 11.09 -5.86 10.87
N PHE A 171 10.22 -6.73 11.37
CA PHE A 171 9.29 -7.49 10.54
C PHE A 171 7.89 -7.64 11.15
N ILE A 172 6.88 -7.20 10.41
CA ILE A 172 5.48 -7.44 10.77
C ILE A 172 4.88 -8.27 9.65
N GLU A 173 3.90 -9.11 9.96
CA GLU A 173 3.24 -9.91 8.94
C GLU A 173 1.81 -10.23 9.36
N VAL A 174 0.82 -9.70 8.63
CA VAL A 174 -0.59 -10.08 8.81
C VAL A 174 -0.96 -11.16 7.77
N SER A 175 -1.03 -12.41 8.26
CA SER A 175 -1.42 -13.59 7.49
C SER A 175 -2.89 -13.87 7.65
N ASP A 176 -3.40 -14.79 6.84
CA ASP A 176 -4.79 -15.24 6.96
C ASP A 176 -5.03 -16.56 6.22
N ASP A 177 -6.23 -17.10 6.46
CA ASP A 177 -6.65 -18.42 6.01
C ASP A 177 -7.67 -18.27 4.84
N GLY A 178 -7.62 -17.12 4.15
CA GLY A 178 -8.54 -16.82 3.05
C GLY A 178 -8.33 -17.61 1.76
N PRO A 179 -8.97 -17.17 0.67
CA PRO A 179 -8.80 -17.86 -0.61
C PRO A 179 -7.46 -17.54 -1.28
N GLY A 180 -6.80 -16.47 -0.82
CA GLY A 180 -5.58 -15.98 -1.44
C GLY A 180 -5.87 -15.11 -2.64
N ILE A 181 -4.79 -14.66 -3.26
CA ILE A 181 -4.80 -13.63 -4.28
C ILE A 181 -4.28 -14.31 -5.55
N PRO A 182 -5.12 -14.41 -6.61
CA PRO A 182 -4.61 -15.06 -7.82
C PRO A 182 -3.46 -14.28 -8.47
N PRO A 183 -2.55 -14.96 -9.18
CA PRO A 183 -1.48 -14.25 -9.92
C PRO A 183 -1.97 -13.11 -10.84
N ASP A 184 -3.17 -13.24 -11.41
CA ASP A 184 -3.79 -12.24 -12.30
C ASP A 184 -3.77 -10.85 -11.69
N VAL A 185 -4.12 -10.83 -10.40
CA VAL A 185 -4.30 -9.57 -9.68
C VAL A 185 -3.09 -9.15 -8.86
N MET A 186 -2.24 -10.07 -8.44
CA MET A 186 -1.14 -9.72 -7.48
C MET A 186 -0.33 -8.44 -7.81
N GLY A 187 -0.16 -8.15 -9.11
CA GLY A 187 0.50 -6.94 -9.57
C GLY A 187 -0.27 -5.65 -9.36
N LYS A 188 -1.59 -5.70 -9.53
CA LYS A 188 -2.46 -4.51 -9.56
C LYS A 188 -2.97 -4.13 -8.17
N ILE A 189 -2.37 -4.66 -7.11
CA ILE A 189 -3.12 -4.79 -5.85
C ILE A 189 -2.99 -3.56 -4.96
N PHE A 190 -1.83 -2.91 -5.02
CA PHE A 190 -1.60 -1.63 -4.34
C PHE A 190 -1.95 -0.45 -5.24
N ASP A 191 -2.35 -0.74 -6.48
CA ASP A 191 -2.80 0.30 -7.39
C ASP A 191 -3.96 1.07 -6.76
N PRO A 192 -3.91 2.41 -6.84
CA PRO A 192 -4.94 3.22 -6.22
C PRO A 192 -6.30 2.91 -6.81
N PHE A 193 -7.26 2.67 -5.96
CA PHE A 193 -8.64 2.38 -6.32
C PHE A 193 -8.85 1.03 -6.99
N PHE A 194 -7.93 0.09 -6.81
CA PHE A 194 -8.11 -1.22 -7.40
C PHE A 194 -8.81 -2.10 -6.39
N THR A 195 -9.92 -2.70 -6.80
CA THR A 195 -10.60 -3.69 -5.99
C THR A 195 -11.38 -4.71 -6.82
N THR A 196 -11.55 -5.88 -6.21
CA THR A 196 -12.42 -6.96 -6.70
C THR A 196 -13.82 -6.90 -6.05
N LYS A 197 -13.91 -6.25 -4.90
CA LYS A 197 -15.14 -6.10 -4.12
C LYS A 197 -16.10 -5.07 -4.82
N PRO A 198 -17.42 -5.35 -4.81
CA PRO A 198 -18.29 -4.62 -5.76
C PRO A 198 -18.66 -3.19 -5.34
N VAL A 199 -18.50 -2.27 -6.29
CA VAL A 199 -18.91 -0.84 -6.27
C VAL A 199 -19.23 -0.16 -4.92
N GLY A 200 -20.31 -0.60 -4.27
CA GLY A 200 -20.71 -0.05 -2.97
C GLY A 200 -19.84 -0.49 -1.79
N GLU A 201 -19.34 -1.74 -1.85
CA GLU A 201 -18.47 -2.26 -0.81
C GLU A 201 -17.06 -1.68 -0.94
N GLY A 202 -16.37 -2.10 -2.00
CA GLY A 202 -14.95 -1.84 -2.17
C GLY A 202 -14.64 -0.42 -2.62
N THR A 203 -13.48 0.08 -2.18
CA THR A 203 -12.99 1.39 -2.60
C THR A 203 -11.62 1.33 -3.31
N GLY A 204 -10.79 0.36 -2.91
CA GLY A 204 -9.43 0.20 -3.41
C GLY A 204 -8.44 1.15 -2.79
N LEU A 205 -8.80 1.75 -1.65
CA LEU A 205 -7.97 2.72 -0.96
C LEU A 205 -6.96 2.06 -0.04
N GLY A 206 -7.33 0.96 0.59
CA GLY A 206 -6.55 0.39 1.70
C GLY A 206 -5.08 0.11 1.48
N LEU A 207 -4.78 -0.61 0.41
CA LEU A 207 -3.42 -1.10 0.16
C LEU A 207 -2.54 -0.07 -0.52
N ALA A 208 -3.15 0.83 -1.28
CA ALA A 208 -2.42 2.00 -1.70
C ALA A 208 -1.94 2.79 -0.48
N THR A 209 -2.80 2.92 0.54
CA THR A 209 -2.43 3.58 1.79
C THR A 209 -1.28 2.87 2.43
N VAL A 210 -1.39 1.54 2.52
CA VAL A 210 -0.35 0.73 3.13
C VAL A 210 0.96 0.85 2.36
N TYR A 211 0.88 0.78 1.04
CA TYR A 211 2.08 0.77 0.24
C TYR A 211 2.81 2.08 0.43
N GLY A 212 2.03 3.13 0.43
CA GLY A 212 2.57 4.44 0.60
C GLY A 212 3.23 4.63 1.95
N ILE A 213 2.62 4.07 3.01
CA ILE A 213 3.14 4.24 4.36
C ILE A 213 4.45 3.51 4.52
N VAL A 214 4.53 2.30 3.97
CA VAL A 214 5.71 1.46 4.07
C VAL A 214 6.86 2.17 3.39
N LYS A 215 6.64 2.57 2.14
CA LYS A 215 7.60 3.31 1.33
C LYS A 215 8.05 4.59 2.00
N GLN A 216 7.06 5.34 2.52
CA GLN A 216 7.25 6.53 3.39
C GLN A 216 8.18 6.33 4.58
N SER A 217 8.19 5.11 5.12
CA SER A 217 8.98 4.71 6.27
C SER A 217 10.30 3.98 5.94
N ASP A 218 10.97 4.35 4.85
CA ASP A 218 12.24 3.71 4.42
C ASP A 218 12.10 2.19 4.28
N GLY A 219 10.87 1.71 4.08
CA GLY A 219 10.53 0.28 4.31
C GLY A 219 10.23 -0.52 3.05
N TRP A 220 10.31 -1.83 3.13
CA TRP A 220 9.87 -2.69 2.04
C TRP A 220 8.69 -3.51 2.49
N ILE A 221 7.78 -3.78 1.56
CA ILE A 221 6.61 -4.63 1.77
C ILE A 221 6.59 -5.68 0.68
N HIS A 222 6.24 -6.90 1.06
CA HIS A 222 6.20 -8.04 0.15
C HIS A 222 5.14 -9.04 0.60
N VAL A 223 4.53 -9.70 -0.38
CA VAL A 223 3.49 -10.69 -0.15
C VAL A 223 3.94 -12.01 -0.73
N HIS A 224 3.74 -13.10 0.00
CA HIS A 224 3.58 -14.39 -0.65
C HIS A 224 2.17 -14.92 -0.32
N SER A 225 1.57 -15.53 -1.35
CA SER A 225 0.21 -16.04 -1.32
C SER A 225 0.04 -16.98 -2.51
N ARG A 226 -0.47 -18.18 -2.24
CA ARG A 226 -0.86 -19.11 -3.27
C ARG A 226 -2.38 -19.06 -3.44
N PRO A 227 -2.89 -19.47 -4.62
CA PRO A 227 -4.33 -19.72 -4.77
C PRO A 227 -4.83 -20.79 -3.80
N ASN A 228 -5.98 -20.53 -3.20
CA ASN A 228 -6.63 -21.36 -2.17
C ASN A 228 -6.04 -21.38 -0.75
N GLU A 229 -4.76 -21.04 -0.58
CA GLU A 229 -4.07 -21.15 0.71
C GLU A 229 -3.80 -19.81 1.41
N GLY A 230 -4.74 -18.86 1.31
CA GLY A 230 -4.70 -17.64 2.12
C GLY A 230 -3.58 -16.63 1.87
N ALA A 231 -3.91 -15.35 2.02
CA ALA A 231 -2.94 -14.27 1.81
C ALA A 231 -1.97 -14.10 2.99
N ALA A 232 -0.86 -13.40 2.76
CA ALA A 232 0.08 -13.03 3.84
C ALA A 232 0.95 -11.80 3.50
N PHE A 233 0.54 -10.63 4.00
CA PHE A 233 1.23 -9.37 3.75
C PHE A 233 2.33 -9.18 4.80
N ARG A 234 3.55 -8.89 4.36
CA ARG A 234 4.72 -8.74 5.24
C ARG A 234 5.34 -7.36 5.10
N ILE A 235 5.63 -6.69 6.22
CA ILE A 235 6.26 -5.36 6.23
C ILE A 235 7.67 -5.46 6.83
N PHE A 236 8.64 -4.83 6.17
CA PHE A 236 10.04 -4.80 6.62
C PHE A 236 10.44 -3.35 6.84
N LEU A 237 10.96 -3.05 8.02
CA LEU A 237 11.44 -1.70 8.36
C LEU A 237 12.87 -1.78 8.87
N PRO A 238 13.66 -0.71 8.69
CA PRO A 238 15.02 -0.77 9.19
C PRO A 238 15.08 -0.56 10.71
N VAL A 239 15.98 -1.31 11.37
CA VAL A 239 16.14 -1.25 12.82
C VAL A 239 16.81 0.10 13.17
N TYR A 240 16.52 0.64 14.35
CA TYR A 240 17.02 1.95 14.76
C TYR A 240 18.07 1.86 15.87
N GLU A 241 19.06 2.75 15.83
CA GLU A 241 20.02 2.95 16.95
C GLU A 241 20.59 4.39 16.94
N ALA A 242 20.98 4.88 18.13
CA ALA A 242 21.67 6.20 18.28
C ALA A 242 22.25 6.35 19.70
PB ADP B . -10.58 -2.72 -0.87
O1B ADP B . -11.71 -2.63 -1.88
O2B ADP B . -10.55 -4.04 -0.15
O3B ADP B . -10.42 -1.47 -0.03
PA ADP B . -7.80 -2.81 -0.87
O1A ADP B . -8.06 -2.88 0.62
O2A ADP B . -6.87 -1.74 -1.37
O3A ADP B . -9.20 -2.80 -1.68
O5' ADP B . -7.19 -4.20 -1.38
C5' ADP B . -7.09 -4.44 -2.81
C4' ADP B . -7.63 -5.79 -3.25
O4' ADP B . -6.73 -6.87 -2.98
C3' ADP B . -8.95 -6.14 -2.60
O3' ADP B . -10.04 -5.50 -3.25
C2' ADP B . -8.91 -7.65 -2.73
O2' ADP B . -9.39 -8.05 -4.01
C1' ADP B . -7.43 -8.04 -2.61
N9 ADP B . -7.03 -8.46 -1.23
C8 ADP B . -6.50 -7.65 -0.30
N7 ADP B . -6.21 -8.31 0.84
C5 ADP B . -6.56 -9.58 0.67
C6 ADP B . -6.52 -10.80 1.51
N6 ADP B . -6.04 -10.73 2.77
N1 ADP B . -6.97 -11.95 0.96
C2 ADP B . -7.46 -12.00 -0.31
N3 ADP B . -7.52 -10.92 -1.11
C4 ADP B . -7.09 -9.70 -0.69
MG MG C . -9.36 -2.72 2.50
#